data_8QFW
#
_entry.id   8QFW
#
_cell.length_a   167.011
_cell.length_b   167.011
_cell.length_c   167.011
_cell.angle_alpha   90.000
_cell.angle_beta   90.000
_cell.angle_gamma   90.000
#
_symmetry.space_group_name_H-M   'I 2 3'
#
loop_
_entity.id
_entity.type
_entity.pdbx_description
1 polymer Chronophin
2 non-polymer 'MAGNESIUM ION'
3 non-polymer 'PHOSPHATE ION'
4 non-polymer 7,8-bis(oxidanyl)-2-phenyl-chromen-4-one
5 non-polymer 'TRIETHYLENE GLYCOL'
6 non-polymer 'CITRIC ACID'
7 non-polymer GLYCEROL
8 water water
#
_entity_poly.entity_id   1
_entity_poly.type   'polypeptide(L)'
_entity_poly.pdbx_seq_one_letter_code
;GMARCERLRGAALRDVLGQAQGVLFDCDGVLWNGERIVPGAPELLQRLARAGKNTLFVSNNSRRARPELALRFARLGFAG
LRAEQLFSSALCAARLLRQRLSGPPDASGAVFVLGGEGLRAELRAAGLRLAGDPGEDPRVRAVLVGYDEQFSFSRLTEAC
AHLRDPDCLLVATDRDPWHPLSDGSRTPGTGSLAAAVETASGRQALVVGKPSPYMFQCITEDFSVDPARTLMVGDRLETD
ILFGHRCGMTTVLTLTGVSSLEEAQAYLTAGQRDLVPHYYVESIADLMEGLEE
;
_entity_poly.pdbx_strand_id   A,B
#
loop_
_chem_comp.id
_chem_comp.type
_chem_comp.name
_chem_comp.formula
CIT non-polymer 'CITRIC ACID' 'C6 H8 O7'
GOL non-polymer GLYCEROL 'C3 H8 O3'
MG non-polymer 'MAGNESIUM ION' 'Mg 2'
PGE non-polymer 'TRIETHYLENE GLYCOL' 'C6 H14 O4'
PO4 non-polymer 'PHOSPHATE ION' 'O4 P -3'
UK9 non-polymer 7,8-bis(oxidanyl)-2-phenyl-chromen-4-one 'C15 H10 O4'
#
# COMPACT_ATOMS: atom_id res chain seq x y z
N GLY A 1 24.83 5.64 21.35
CA GLY A 1 26.23 6.09 21.52
C GLY A 1 27.05 5.93 20.25
N MET A 2 28.37 6.12 20.36
CA MET A 2 29.25 5.95 19.21
C MET A 2 29.08 4.57 18.60
N ALA A 3 28.93 4.53 17.29
CA ALA A 3 28.81 3.26 16.59
C ALA A 3 30.11 2.47 16.71
N ARG A 4 29.96 1.15 16.80
CA ARG A 4 31.11 0.26 16.95
CA ARG A 4 31.11 0.25 16.95
C ARG A 4 31.13 -0.85 15.90
N CYS A 5 30.26 -0.79 14.90
CA CYS A 5 30.19 -1.80 13.84
C CYS A 5 30.19 -3.20 14.43
N GLU A 6 29.20 -3.45 15.27
CA GLU A 6 29.05 -4.71 16.00
C GLU A 6 28.09 -5.63 15.24
N ARG A 7 28.44 -6.91 15.17
CA ARG A 7 27.57 -7.87 14.49
C ARG A 7 26.27 -8.03 15.28
N LEU A 8 25.14 -7.73 14.63
CA LEU A 8 23.84 -7.80 15.29
C LEU A 8 23.36 -9.25 15.31
N ARG A 9 23.35 -9.84 16.50
CA ARG A 9 22.91 -11.22 16.67
C ARG A 9 22.58 -11.43 18.14
N GLY A 10 21.99 -12.59 18.44
CA GLY A 10 21.75 -12.97 19.82
C GLY A 10 20.90 -11.96 20.55
N ALA A 11 21.31 -11.65 21.79
CA ALA A 11 20.51 -10.76 22.62
C ALA A 11 20.47 -9.35 22.05
N ALA A 12 21.58 -8.89 21.48
CA ALA A 12 21.60 -7.56 20.88
C ALA A 12 20.53 -7.43 19.80
N LEU A 13 20.36 -8.47 18.98
CA LEU A 13 19.35 -8.43 17.94
C LEU A 13 17.94 -8.42 18.53
N ARG A 14 17.70 -9.24 19.56
CA ARG A 14 16.37 -9.30 20.15
C ARG A 14 16.00 -7.97 20.81
N ASP A 15 16.95 -7.37 21.54
CA ASP A 15 16.68 -6.10 22.21
C ASP A 15 16.42 -4.99 21.19
N VAL A 16 17.28 -4.89 20.17
CA VAL A 16 17.17 -3.80 19.21
C VAL A 16 15.84 -3.87 18.47
N LEU A 17 15.47 -5.06 17.98
CA LEU A 17 14.22 -5.20 17.25
C LEU A 17 13.02 -5.05 18.18
N GLY A 18 13.13 -5.54 19.41
CA GLY A 18 11.99 -5.48 20.32
C GLY A 18 11.59 -4.05 20.65
N GLN A 19 12.57 -3.18 20.88
CA GLN A 19 12.28 -1.80 21.20
C GLN A 19 11.92 -0.97 19.98
N ALA A 20 12.20 -1.47 18.78
CA ALA A 20 11.99 -0.69 17.58
C ALA A 20 10.52 -0.66 17.20
N GLN A 21 10.04 0.52 16.80
CA GLN A 21 8.69 0.66 16.28
CA GLN A 21 8.68 0.66 16.29
C GLN A 21 8.59 0.41 14.79
N GLY A 22 9.70 0.55 14.06
CA GLY A 22 9.68 0.32 12.63
C GLY A 22 11.08 0.19 12.08
N VAL A 23 11.15 -0.29 10.84
CA VAL A 23 12.40 -0.46 10.11
C VAL A 23 12.31 0.30 8.80
N LEU A 24 13.35 1.05 8.48
CA LEU A 24 13.46 1.77 7.22
C LEU A 24 14.49 1.06 6.35
N PHE A 25 14.03 0.45 5.26
CA PHE A 25 14.88 -0.34 4.37
C PHE A 25 15.30 0.46 3.15
N ASP A 26 16.60 0.45 2.86
CA ASP A 26 17.04 0.73 1.51
C ASP A 26 16.71 -0.47 0.62
N CYS A 27 16.60 -0.23 -0.67
CA CYS A 27 16.14 -1.27 -1.59
C CYS A 27 17.28 -1.99 -2.31
N ASP A 28 17.94 -1.30 -3.24
CA ASP A 28 18.98 -1.95 -4.03
C ASP A 28 20.15 -2.38 -3.16
N GLY A 29 20.57 -3.64 -3.30
CA GLY A 29 21.63 -4.19 -2.50
C GLY A 29 21.20 -4.66 -1.13
N VAL A 30 19.93 -4.49 -0.78
CA VAL A 30 19.41 -4.83 0.55
C VAL A 30 18.31 -5.86 0.39
N LEU A 31 17.27 -5.51 -0.37
CA LEU A 31 16.19 -6.44 -0.65
C LEU A 31 16.44 -7.29 -1.88
N TRP A 32 17.28 -6.82 -2.80
CA TRP A 32 17.49 -7.49 -4.07
C TRP A 32 18.72 -6.91 -4.74
N ASN A 33 19.23 -7.65 -5.72
CA ASN A 33 20.23 -7.14 -6.66
C ASN A 33 19.75 -7.52 -8.05
N GLY A 34 19.33 -6.53 -8.84
CA GLY A 34 18.72 -6.84 -10.12
C GLY A 34 17.44 -7.63 -9.94
N GLU A 35 17.32 -8.73 -10.67
CA GLU A 35 16.16 -9.61 -10.59
C GLU A 35 16.30 -10.69 -9.53
N ARG A 36 17.37 -10.68 -8.76
CA ARG A 36 17.61 -11.68 -7.72
C ARG A 36 17.38 -11.08 -6.35
N ILE A 37 16.30 -11.53 -5.69
CA ILE A 37 16.03 -11.08 -4.34
C ILE A 37 17.11 -11.61 -3.40
N VAL A 38 17.32 -10.92 -2.28
CA VAL A 38 18.15 -11.44 -1.21
C VAL A 38 17.35 -12.56 -0.54
N PRO A 39 17.86 -13.79 -0.48
CA PRO A 39 17.08 -14.88 0.12
C PRO A 39 16.62 -14.52 1.53
N GLY A 40 15.34 -14.75 1.80
CA GLY A 40 14.75 -14.46 3.09
C GLY A 40 14.20 -13.07 3.24
N ALA A 41 14.42 -12.18 2.27
CA ALA A 41 13.92 -10.81 2.41
C ALA A 41 12.41 -10.75 2.46
N PRO A 42 11.66 -11.41 1.57
CA PRO A 42 10.19 -11.36 1.70
C PRO A 42 9.68 -11.89 3.04
N GLU A 43 10.27 -12.99 3.54
CA GLU A 43 9.80 -13.55 4.80
C GLU A 43 10.05 -12.57 5.95
N LEU A 44 11.18 -11.86 5.92
CA LEU A 44 11.47 -10.90 6.98
C LEU A 44 10.38 -9.84 7.07
N LEU A 45 9.97 -9.28 5.92
CA LEU A 45 8.93 -8.25 5.93
C LEU A 45 7.63 -8.79 6.50
N GLN A 46 7.30 -10.05 6.21
CA GLN A 46 6.09 -10.65 6.75
CA GLN A 46 6.09 -10.65 6.75
C GLN A 46 6.17 -10.75 8.27
N ARG A 47 7.25 -11.34 8.78
CA ARG A 47 7.39 -11.50 10.22
C ARG A 47 7.50 -10.15 10.93
N LEU A 48 8.10 -9.15 10.29
CA LEU A 48 8.08 -7.81 10.87
C LEU A 48 6.66 -7.29 10.99
N ALA A 49 5.83 -7.50 9.96
CA ALA A 49 4.47 -7.01 10.00
C ALA A 49 3.65 -7.73 11.08
N ARG A 50 3.81 -9.04 11.19
CA ARG A 50 3.08 -9.79 12.22
C ARG A 50 3.56 -9.45 13.62
N ALA A 51 4.74 -8.84 13.76
CA ALA A 51 5.23 -8.40 15.05
C ALA A 51 4.82 -6.97 15.38
N GLY A 52 4.00 -6.35 14.54
CA GLY A 52 3.60 -4.98 14.77
C GLY A 52 4.66 -3.96 14.48
N LYS A 53 5.67 -4.32 13.69
CA LYS A 53 6.75 -3.40 13.34
C LYS A 53 6.43 -2.72 12.01
N ASN A 54 6.46 -1.40 12.00
CA ASN A 54 6.27 -0.64 10.78
C ASN A 54 7.46 -0.80 9.84
N THR A 55 7.19 -0.74 8.54
CA THR A 55 8.23 -0.83 7.51
C THR A 55 8.04 0.28 6.48
N LEU A 56 9.12 0.99 6.19
CA LEU A 56 9.17 1.97 5.11
C LEU A 56 10.40 1.67 4.25
N PHE A 57 10.42 2.26 3.05
CA PHE A 57 11.41 1.90 2.05
C PHE A 57 11.92 3.14 1.34
N VAL A 58 13.25 3.26 1.25
CA VAL A 58 13.89 4.35 0.55
C VAL A 58 14.80 3.79 -0.54
N SER A 59 15.02 4.59 -1.57
CA SER A 59 15.87 4.20 -2.69
C SER A 59 16.25 5.45 -3.46
N ASN A 60 17.53 5.55 -3.83
CA ASN A 60 17.95 6.61 -4.74
C ASN A 60 17.73 6.24 -6.20
N ASN A 61 17.26 5.03 -6.46
CA ASN A 61 16.93 4.60 -7.81
C ASN A 61 15.71 5.35 -8.33
N SER A 62 15.86 6.05 -9.46
CA SER A 62 14.78 6.83 -10.05
C SER A 62 14.21 6.18 -11.31
N ARG A 63 14.44 4.88 -11.50
CA ARG A 63 14.03 4.26 -12.76
C ARG A 63 12.53 4.03 -12.80
N ARG A 64 11.90 3.85 -11.65
CA ARG A 64 10.49 3.48 -11.56
C ARG A 64 9.76 4.51 -10.73
N ALA A 65 8.70 5.08 -11.30
CA ALA A 65 7.78 5.88 -10.52
C ALA A 65 7.06 4.97 -9.52
N ARG A 66 6.41 5.59 -8.54
CA ARG A 66 5.78 4.83 -7.45
C ARG A 66 4.90 3.70 -7.95
N PRO A 67 4.04 3.89 -8.95
CA PRO A 67 3.20 2.76 -9.39
C PRO A 67 4.01 1.57 -9.85
N GLU A 68 5.01 1.78 -10.71
CA GLU A 68 5.80 0.66 -11.20
C GLU A 68 6.69 0.07 -10.11
N LEU A 69 7.15 0.91 -9.17
CA LEU A 69 7.96 0.37 -8.08
C LEU A 69 7.13 -0.54 -7.18
N ALA A 70 5.88 -0.17 -6.91
CA ALA A 70 5.00 -1.04 -6.14
C ALA A 70 4.77 -2.36 -6.87
N LEU A 71 4.57 -2.31 -8.18
CA LEU A 71 4.42 -3.53 -8.95
C LEU A 71 5.66 -4.40 -8.85
N ARG A 72 6.85 -3.79 -8.87
CA ARG A 72 8.08 -4.55 -8.74
C ARG A 72 8.11 -5.32 -7.42
N PHE A 73 7.81 -4.64 -6.31
CA PHE A 73 7.77 -5.31 -5.02
C PHE A 73 6.86 -6.53 -5.07
N ALA A 74 5.62 -6.35 -5.54
CA ALA A 74 4.68 -7.45 -5.60
C ALA A 74 5.17 -8.57 -6.50
N ARG A 75 5.75 -8.21 -7.65
CA ARG A 75 6.19 -9.21 -8.60
C ARG A 75 7.31 -10.07 -8.04
N LEU A 76 8.20 -9.47 -7.25
CA LEU A 76 9.35 -10.20 -6.72
C LEU A 76 9.03 -10.97 -5.45
N GLY A 77 7.80 -10.93 -4.96
CA GLY A 77 7.39 -11.73 -3.83
C GLY A 77 7.19 -10.99 -2.52
N PHE A 78 7.17 -9.66 -2.54
CA PHE A 78 6.95 -8.86 -1.34
C PHE A 78 5.49 -8.46 -1.32
N ALA A 79 4.69 -9.15 -0.52
CA ALA A 79 3.25 -8.97 -0.49
C ALA A 79 2.84 -8.03 0.64
N GLY A 80 1.68 -7.41 0.47
CA GLY A 80 1.08 -6.61 1.51
C GLY A 80 1.64 -5.21 1.65
N LEU A 81 2.46 -4.75 0.72
CA LEU A 81 3.00 -3.40 0.77
C LEU A 81 2.08 -2.44 0.02
N ARG A 82 2.12 -1.17 0.43
CA ARG A 82 1.33 -0.12 -0.20
C ARG A 82 2.29 0.88 -0.83
N ALA A 83 1.87 1.46 -1.97
CA ALA A 83 2.75 2.37 -2.68
C ALA A 83 3.17 3.56 -1.84
N GLU A 84 2.31 4.00 -0.90
CA GLU A 84 2.65 5.14 -0.07
C GLU A 84 3.78 4.85 0.91
N GLN A 85 4.21 3.59 1.02
CA GLN A 85 5.36 3.23 1.86
C GLN A 85 6.69 3.39 1.14
N LEU A 86 6.67 3.71 -0.16
CA LEU A 86 7.86 3.70 -1.00
C LEU A 86 8.31 5.13 -1.26
N PHE A 87 9.54 5.44 -0.87
CA PHE A 87 10.10 6.79 -0.98
C PHE A 87 11.38 6.76 -1.80
N SER A 88 11.23 6.93 -3.11
CA SER A 88 12.36 7.01 -4.01
C SER A 88 12.85 8.44 -4.13
N SER A 89 14.08 8.60 -4.65
CA SER A 89 14.58 9.94 -4.91
C SER A 89 13.72 10.65 -5.96
N ALA A 90 13.11 9.89 -6.88
CA ALA A 90 12.21 10.50 -7.85
C ALA A 90 11.01 11.14 -7.16
N LEU A 91 10.41 10.42 -6.20
CA LEU A 91 9.25 10.96 -5.50
C LEU A 91 9.63 12.22 -4.72
N CYS A 92 10.73 12.15 -3.97
N CYS A 92 10.73 12.15 -3.97
CA CYS A 92 11.13 13.31 -3.17
CA CYS A 92 11.13 13.31 -3.17
C CYS A 92 11.46 14.50 -4.05
C CYS A 92 11.46 14.50 -4.05
N ALA A 93 12.09 14.25 -5.20
CA ALA A 93 12.40 15.35 -6.11
C ALA A 93 11.11 16.02 -6.61
N ALA A 94 10.11 15.21 -6.96
CA ALA A 94 8.83 15.78 -7.40
C ALA A 94 8.19 16.61 -6.30
N ARG A 95 8.26 16.15 -5.05
CA ARG A 95 7.70 16.92 -3.95
CA ARG A 95 7.69 16.92 -3.94
C ARG A 95 8.39 18.27 -3.81
N LEU A 96 9.72 18.26 -3.73
CA LEU A 96 10.46 19.50 -3.57
C LEU A 96 10.12 20.47 -4.70
N LEU A 97 10.17 19.98 -5.95
CA LEU A 97 9.87 20.85 -7.09
C LEU A 97 8.45 21.40 -6.98
N ARG A 98 7.49 20.56 -6.61
CA ARG A 98 6.12 21.03 -6.42
CA ARG A 98 6.12 21.03 -6.42
C ARG A 98 6.05 22.08 -5.32
N GLN A 99 6.73 21.84 -4.21
CA GLN A 99 6.74 22.81 -3.11
CA GLN A 99 6.74 22.80 -3.12
C GLN A 99 7.34 24.13 -3.57
N ARG A 100 8.46 24.07 -4.29
CA ARG A 100 9.16 25.29 -4.67
CA ARG A 100 9.17 25.28 -4.66
C ARG A 100 8.52 26.00 -5.84
N LEU A 101 7.86 25.25 -6.73
CA LEU A 101 7.26 25.84 -7.92
C LEU A 101 5.75 26.09 -7.75
N SER A 102 5.20 25.85 -6.58
CA SER A 102 3.81 26.18 -6.33
C SER A 102 3.65 27.69 -6.20
N GLY A 103 2.66 28.25 -6.88
CA GLY A 103 2.44 29.68 -6.86
C GLY A 103 1.36 30.11 -7.82
N PRO A 104 1.35 31.39 -8.17
CA PRO A 104 0.34 31.91 -9.10
C PRO A 104 0.23 31.03 -10.33
N PRO A 105 -0.99 30.78 -10.81
CA PRO A 105 -1.14 29.93 -12.00
C PRO A 105 -0.40 30.46 -13.21
N ASP A 106 -0.42 31.78 -13.41
CA ASP A 106 0.27 32.38 -14.55
C ASP A 106 1.79 32.28 -14.44
N ALA A 107 2.31 31.80 -13.32
CA ALA A 107 3.75 31.66 -13.10
C ALA A 107 4.02 30.27 -12.51
N SER A 108 3.89 29.24 -13.34
CA SER A 108 4.13 27.86 -12.92
C SER A 108 5.43 27.28 -13.45
N GLY A 109 5.79 27.58 -14.70
CA GLY A 109 7.05 27.15 -15.26
C GLY A 109 7.11 25.69 -15.66
N ALA A 110 8.31 25.30 -16.10
CA ALA A 110 8.59 23.94 -16.54
C ALA A 110 9.88 23.45 -15.89
N VAL A 111 10.05 22.12 -15.87
CA VAL A 111 11.23 21.47 -15.31
C VAL A 111 11.98 20.80 -16.45
N PHE A 112 13.26 21.13 -16.60
CA PHE A 112 14.14 20.46 -17.53
C PHE A 112 14.80 19.27 -16.82
N VAL A 113 14.52 18.07 -17.30
CA VAL A 113 14.90 16.83 -16.60
C VAL A 113 16.01 16.13 -17.37
N LEU A 114 17.14 15.91 -16.71
CA LEU A 114 18.16 14.97 -17.19
C LEU A 114 17.88 13.65 -16.48
N GLY A 115 17.14 12.78 -17.13
CA GLY A 115 16.74 11.52 -16.50
C GLY A 115 15.83 10.73 -17.41
N GLY A 116 15.35 9.60 -16.89
CA GLY A 116 14.58 8.66 -17.66
C GLY A 116 13.07 8.84 -17.50
N GLU A 117 12.34 7.96 -18.17
CA GLU A 117 10.89 8.10 -18.24
C GLU A 117 10.24 7.92 -16.87
N GLY A 118 10.76 7.01 -16.05
CA GLY A 118 10.19 6.83 -14.73
C GLY A 118 10.27 8.10 -13.90
N LEU A 119 11.40 8.81 -13.99
CA LEU A 119 11.54 10.07 -13.29
C LEU A 119 10.59 11.12 -13.86
N ARG A 120 10.49 11.20 -15.18
CA ARG A 120 9.54 12.12 -15.80
C ARG A 120 8.11 11.84 -15.34
N ALA A 121 7.73 10.56 -15.29
CA ALA A 121 6.38 10.21 -14.88
C ALA A 121 6.10 10.62 -13.44
N GLU A 122 7.10 10.47 -12.55
CA GLU A 122 6.88 10.84 -11.16
C GLU A 122 6.62 12.34 -11.03
N LEU A 123 7.34 13.15 -11.80
CA LEU A 123 7.11 14.60 -11.76
C LEU A 123 5.73 14.95 -12.32
N ARG A 124 5.32 14.30 -13.41
CA ARG A 124 3.98 14.57 -13.95
C ARG A 124 2.90 14.23 -12.94
N ALA A 125 3.08 13.13 -12.19
CA ALA A 125 2.09 12.75 -11.20
C ALA A 125 1.93 13.81 -10.12
N ALA A 126 2.96 14.63 -9.91
CA ALA A 126 2.90 15.71 -8.94
C ALA A 126 2.35 17.01 -9.51
N GLY A 127 2.01 17.03 -10.79
CA GLY A 127 1.46 18.22 -11.41
C GLY A 127 2.48 19.13 -12.06
N LEU A 128 3.72 18.66 -12.23
CA LEU A 128 4.78 19.49 -12.80
C LEU A 128 4.78 19.40 -14.31
N ARG A 129 5.04 20.53 -14.96
CA ARG A 129 5.19 20.58 -16.41
C ARG A 129 6.65 20.30 -16.76
N LEU A 130 6.86 19.55 -17.83
CA LEU A 130 8.21 19.12 -18.22
C LEU A 130 8.57 19.71 -19.57
N ALA A 131 9.76 20.31 -19.65
CA ALA A 131 10.32 20.69 -20.94
C ALA A 131 10.49 19.45 -21.81
N GLY A 132 10.19 19.58 -23.09
CA GLY A 132 10.28 18.47 -24.02
C GLY A 132 9.02 17.65 -24.15
N ASP A 133 8.00 17.93 -23.35
CA ASP A 133 6.70 17.30 -23.49
C ASP A 133 5.90 17.99 -24.60
N PRO A 134 4.84 17.36 -25.08
CA PRO A 134 4.11 17.92 -26.22
C PRO A 134 3.68 19.36 -25.98
N GLY A 135 3.74 20.16 -27.04
CA GLY A 135 3.32 21.54 -27.01
C GLY A 135 4.42 22.48 -26.56
N GLU A 136 4.12 23.78 -26.62
CA GLU A 136 5.12 24.79 -26.29
C GLU A 136 5.69 24.55 -24.90
N ASP A 137 6.99 24.75 -24.77
CA ASP A 137 7.67 24.56 -23.50
C ASP A 137 7.63 25.86 -22.71
N PRO A 138 7.02 25.89 -21.53
CA PRO A 138 7.01 27.13 -20.75
C PRO A 138 8.41 27.46 -20.25
N ARG A 139 8.53 28.64 -19.64
CA ARG A 139 9.80 29.04 -19.04
C ARG A 139 10.31 27.94 -18.13
N VAL A 140 11.53 27.49 -18.38
CA VAL A 140 12.14 26.50 -17.51
C VAL A 140 12.48 27.16 -16.17
N ARG A 141 11.87 26.68 -15.10
CA ARG A 141 12.10 27.21 -13.77
C ARG A 141 12.93 26.29 -12.89
N ALA A 142 13.33 25.13 -13.41
CA ALA A 142 14.19 24.24 -12.63
C ALA A 142 14.84 23.23 -13.56
N VAL A 143 16.06 22.85 -13.20
CA VAL A 143 16.78 21.75 -13.83
C VAL A 143 16.91 20.64 -12.81
N LEU A 144 16.51 19.43 -13.19
CA LEU A 144 16.60 18.26 -12.32
C LEU A 144 17.59 17.28 -12.95
N VAL A 145 18.61 16.92 -12.18
CA VAL A 145 19.62 15.94 -12.61
C VAL A 145 19.31 14.62 -11.92
N GLY A 146 19.11 13.57 -12.72
CA GLY A 146 18.94 12.24 -12.20
C GLY A 146 19.81 11.25 -12.95
N TYR A 147 19.57 9.95 -12.74
CA TYR A 147 20.28 8.91 -13.48
C TYR A 147 19.83 8.98 -14.94
N ASP A 148 20.74 9.39 -15.83
CA ASP A 148 20.40 9.77 -17.20
C ASP A 148 21.22 8.92 -18.16
N GLU A 149 20.64 7.82 -18.63
CA GLU A 149 21.31 6.96 -19.60
C GLU A 149 21.51 7.65 -20.95
N GLN A 150 20.79 8.74 -21.20
CA GLN A 150 20.94 9.52 -22.43
C GLN A 150 21.77 10.79 -22.21
N PHE A 151 22.52 10.87 -21.12
CA PHE A 151 23.35 12.03 -20.86
C PHE A 151 24.26 12.30 -22.05
N SER A 152 24.35 13.57 -22.43
CA SER A 152 25.12 13.97 -23.61
C SER A 152 25.67 15.37 -23.38
N PHE A 153 26.73 15.68 -24.14
CA PHE A 153 27.32 17.01 -24.07
C PHE A 153 26.31 18.09 -24.43
N SER A 154 25.48 17.84 -25.45
CA SER A 154 24.51 18.84 -25.88
C SER A 154 23.45 19.10 -24.81
N ARG A 155 22.96 18.04 -24.15
CA ARG A 155 21.97 18.23 -23.10
C ARG A 155 22.59 18.83 -21.85
N LEU A 156 23.84 18.48 -21.54
CA LEU A 156 24.56 19.18 -20.49
C LEU A 156 24.66 20.66 -20.82
N THR A 157 25.01 20.98 -22.07
CA THR A 157 25.04 22.37 -22.50
C THR A 157 23.67 23.03 -22.35
N GLU A 158 22.60 22.30 -22.69
CA GLU A 158 21.27 22.87 -22.61
C GLU A 158 20.85 23.13 -21.17
N ALA A 159 21.17 22.20 -20.27
CA ALA A 159 20.87 22.40 -18.85
C ALA A 159 21.57 23.66 -18.32
N CYS A 160 22.86 23.82 -18.65
CA CYS A 160 23.61 24.96 -18.15
C CYS A 160 23.08 26.27 -18.72
N ALA A 161 22.60 26.26 -19.97
CA ALA A 161 21.99 27.46 -20.53
C ALA A 161 20.80 27.90 -19.69
N HIS A 162 19.96 26.94 -19.27
CA HIS A 162 18.84 27.28 -18.40
C HIS A 162 19.33 27.82 -17.05
N LEU A 163 20.45 27.29 -16.56
CA LEU A 163 20.96 27.68 -15.25
C LEU A 163 21.67 29.03 -15.27
N ARG A 164 21.88 29.63 -16.43
CA ARG A 164 22.38 31.01 -16.46
C ARG A 164 21.36 31.95 -15.82
N ASP A 165 20.09 31.60 -15.85
CA ASP A 165 19.06 32.33 -15.12
C ASP A 165 19.20 32.02 -13.64
N PRO A 166 19.64 32.96 -12.80
CA PRO A 166 19.85 32.62 -11.38
C PRO A 166 18.59 32.18 -10.67
N ASP A 167 17.40 32.53 -11.18
CA ASP A 167 16.16 32.11 -10.54
C ASP A 167 15.76 30.69 -10.92
N CYS A 168 16.45 30.06 -11.87
CA CYS A 168 16.19 28.67 -12.22
C CYS A 168 16.85 27.77 -11.18
N LEU A 169 16.06 26.93 -10.52
CA LEU A 169 16.58 26.05 -9.50
C LEU A 169 17.40 24.91 -10.10
N LEU A 170 18.33 24.39 -9.31
CA LEU A 170 19.07 23.19 -9.65
C LEU A 170 18.81 22.14 -8.56
N VAL A 171 18.28 21.00 -8.96
CA VAL A 171 17.98 19.90 -8.05
C VAL A 171 18.64 18.64 -8.59
N ALA A 172 19.12 17.79 -7.68
CA ALA A 172 19.65 16.49 -8.03
C ALA A 172 18.95 15.44 -7.19
N THR A 173 18.64 14.30 -7.81
CA THR A 173 17.97 13.22 -7.08
C THR A 173 18.85 12.67 -5.97
N ASP A 174 20.16 12.57 -6.22
CA ASP A 174 21.08 11.95 -5.28
C ASP A 174 22.51 12.27 -5.72
N ARG A 175 23.48 11.83 -4.91
CA ARG A 175 24.90 11.97 -5.24
C ARG A 175 25.61 10.62 -5.29
N ASP A 176 24.88 9.53 -5.50
CA ASP A 176 25.54 8.23 -5.61
C ASP A 176 26.54 8.27 -6.76
N PRO A 177 27.81 7.93 -6.52
CA PRO A 177 28.81 8.11 -7.59
C PRO A 177 28.72 7.06 -8.69
N TRP A 178 28.30 5.84 -8.37
CA TRP A 178 28.23 4.76 -9.34
C TRP A 178 27.35 3.66 -8.78
N HIS A 179 26.96 2.72 -9.64
CA HIS A 179 26.10 1.63 -9.23
C HIS A 179 26.59 0.32 -9.85
N PRO A 180 26.56 -0.78 -9.10
CA PRO A 180 26.98 -2.07 -9.67
C PRO A 180 25.86 -2.69 -10.48
N LEU A 181 26.26 -3.42 -11.53
CA LEU A 181 25.34 -4.17 -12.36
C LEU A 181 25.55 -5.66 -12.15
N SER A 182 24.63 -6.44 -12.72
CA SER A 182 24.66 -7.89 -12.52
C SER A 182 25.95 -8.50 -13.04
N ASP A 183 26.46 -8.01 -14.16
CA ASP A 183 27.63 -8.59 -14.82
C ASP A 183 28.95 -8.17 -14.17
N GLY A 184 28.92 -7.51 -13.01
CA GLY A 184 30.11 -7.07 -12.34
C GLY A 184 30.61 -5.70 -12.77
N SER A 185 30.15 -5.19 -13.90
CA SER A 185 30.52 -3.85 -14.33
C SER A 185 29.84 -2.80 -13.45
N ARG A 186 30.14 -1.53 -13.72
CA ARG A 186 29.55 -0.42 -12.99
C ARG A 186 28.97 0.58 -13.97
N THR A 187 28.00 1.35 -13.49
CA THR A 187 27.41 2.44 -14.24
C THR A 187 27.54 3.73 -13.44
N PRO A 188 27.85 4.86 -14.09
CA PRO A 188 27.92 6.12 -13.35
C PRO A 188 26.58 6.50 -12.75
N GLY A 189 26.64 7.10 -11.56
CA GLY A 189 25.45 7.52 -10.85
C GLY A 189 25.17 9.00 -11.00
N THR A 190 24.04 9.41 -10.42
CA THR A 190 23.64 10.82 -10.50
C THR A 190 24.71 11.74 -9.95
N GLY A 191 25.49 11.28 -8.97
CA GLY A 191 26.54 12.13 -8.42
C GLY A 191 27.56 12.54 -9.45
N SER A 192 27.90 11.64 -10.37
CA SER A 192 28.85 11.98 -11.42
CA SER A 192 28.85 11.98 -11.42
C SER A 192 28.26 12.99 -12.39
N LEU A 193 27.00 12.81 -12.78
CA LEU A 193 26.37 13.76 -13.69
C LEU A 193 26.13 15.09 -13.00
N ALA A 194 25.75 15.06 -11.73
CA ALA A 194 25.55 16.30 -10.98
C ALA A 194 26.85 17.09 -10.88
N ALA A 195 27.98 16.40 -10.67
CA ALA A 195 29.26 17.09 -10.61
C ALA A 195 29.54 17.83 -11.91
N ALA A 196 29.18 17.23 -13.05
CA ALA A 196 29.36 17.91 -14.32
C ALA A 196 28.47 19.13 -14.43
N VAL A 197 27.19 18.99 -14.08
CA VAL A 197 26.26 20.11 -14.17
C VAL A 197 26.69 21.23 -13.22
N GLU A 198 27.01 20.86 -11.98
CA GLU A 198 27.41 21.87 -10.99
C GLU A 198 28.68 22.59 -11.43
N THR A 199 29.65 21.85 -11.96
CA THR A 199 30.91 22.46 -12.33
C THR A 199 30.75 23.39 -13.53
N ALA A 200 29.99 22.98 -14.54
CA ALA A 200 29.84 23.79 -15.73
C ALA A 200 28.94 25.00 -15.50
N SER A 201 28.02 24.92 -14.53
CA SER A 201 27.13 26.02 -14.23
C SER A 201 27.60 26.87 -13.07
N GLY A 202 28.57 26.42 -12.29
CA GLY A 202 28.99 27.15 -11.11
C GLY A 202 27.95 27.20 -10.02
N ARG A 203 27.06 26.20 -9.96
CA ARG A 203 25.97 26.18 -9.00
C ARG A 203 26.12 25.00 -8.05
N GLN A 204 25.47 25.12 -6.90
CA GLN A 204 25.33 24.04 -5.92
CA GLN A 204 25.33 24.04 -5.92
C GLN A 204 23.91 23.49 -6.02
N ALA A 205 23.80 22.18 -6.20
CA ALA A 205 22.50 21.56 -6.36
C ALA A 205 21.84 21.31 -5.02
N LEU A 206 20.51 21.42 -5.00
CA LEU A 206 19.71 20.91 -3.90
C LEU A 206 19.53 19.42 -4.08
N VAL A 207 19.97 18.63 -3.10
CA VAL A 207 19.95 17.17 -3.18
C VAL A 207 18.83 16.67 -2.27
N VAL A 208 17.97 15.81 -2.81
CA VAL A 208 16.81 15.34 -2.05
C VAL A 208 17.08 13.95 -1.47
N GLY A 209 17.85 13.13 -2.18
CA GLY A 209 18.02 11.75 -1.79
C GLY A 209 19.03 11.57 -0.68
N LYS A 210 18.89 10.45 0.04
CA LYS A 210 19.83 10.12 1.10
C LYS A 210 21.26 10.20 0.57
N PRO A 211 22.23 10.68 1.37
CA PRO A 211 22.13 11.01 2.81
C PRO A 211 21.54 12.38 3.10
N SER A 212 20.96 13.07 2.14
CA SER A 212 20.33 14.35 2.44
C SER A 212 19.19 14.13 3.42
N PRO A 213 19.05 15.00 4.43
CA PRO A 213 17.94 14.83 5.38
C PRO A 213 16.56 15.06 4.76
N TYR A 214 16.49 15.69 3.58
CA TYR A 214 15.19 15.96 2.98
C TYR A 214 14.41 14.68 2.73
N MET A 215 15.11 13.60 2.37
CA MET A 215 14.41 12.33 2.13
C MET A 215 13.67 11.86 3.38
N PHE A 216 14.24 12.09 4.56
CA PHE A 216 13.53 11.75 5.79
C PHE A 216 12.38 12.71 6.05
N GLN A 217 12.57 13.99 5.71
CA GLN A 217 11.47 14.95 5.82
C GLN A 217 10.27 14.50 5.00
N CYS A 218 10.51 13.99 3.79
N CYS A 218 10.52 13.99 3.80
CA CYS A 218 9.40 13.50 2.98
CA CYS A 218 9.43 13.50 2.96
C CYS A 218 8.66 12.39 3.69
C CYS A 218 8.67 12.37 3.66
N ILE A 219 9.38 11.52 4.39
CA ILE A 219 8.73 10.44 5.13
C ILE A 219 7.91 10.99 6.28
N THR A 220 8.51 11.90 7.08
CA THR A 220 7.81 12.42 8.24
C THR A 220 6.60 13.26 7.87
N GLU A 221 6.57 13.79 6.63
CA GLU A 221 5.39 14.53 6.19
CA GLU A 221 5.40 14.52 6.18
C GLU A 221 4.18 13.63 6.06
N ASP A 222 4.40 12.33 5.81
CA ASP A 222 3.32 11.37 5.62
C ASP A 222 3.11 10.41 6.77
N PHE A 223 4.13 10.19 7.60
CA PHE A 223 4.07 9.19 8.66
C PHE A 223 4.72 9.74 9.92
N SER A 224 4.13 9.40 11.07
CA SER A 224 4.74 9.71 12.36
C SER A 224 5.84 8.69 12.63
N VAL A 225 7.09 9.12 12.50
CA VAL A 225 8.25 8.25 12.65
C VAL A 225 9.13 8.81 13.76
N ASP A 226 9.31 8.02 14.82
CA ASP A 226 10.25 8.37 15.89
C ASP A 226 11.63 7.84 15.47
N PRO A 227 12.54 8.70 15.02
CA PRO A 227 13.84 8.21 14.55
C PRO A 227 14.59 7.38 15.59
N ALA A 228 14.47 7.71 16.87
CA ALA A 228 15.15 6.95 17.91
C ALA A 228 14.64 5.53 18.01
N ARG A 229 13.45 5.25 17.46
CA ARG A 229 12.86 3.92 17.51
C ARG A 229 12.82 3.26 16.12
N THR A 230 13.58 3.80 15.17
CA THR A 230 13.57 3.33 13.80
C THR A 230 14.95 2.82 13.42
N LEU A 231 15.00 1.63 12.83
CA LEU A 231 16.25 1.08 12.33
C LEU A 231 16.41 1.45 10.86
N MET A 232 17.59 1.97 10.51
CA MET A 232 17.95 2.27 9.14
C MET A 232 18.85 1.15 8.63
N VAL A 233 18.36 0.38 7.67
CA VAL A 233 19.06 -0.77 7.11
C VAL A 233 19.46 -0.45 5.68
N GLY A 234 20.77 -0.47 5.40
CA GLY A 234 21.26 -0.16 4.08
C GLY A 234 22.57 -0.88 3.80
N ASP A 235 23.01 -0.76 2.55
CA ASP A 235 24.21 -1.44 2.09
C ASP A 235 25.36 -0.51 1.75
N ARG A 236 25.15 0.81 1.81
CA ARG A 236 26.15 1.77 1.35
C ARG A 236 26.49 2.72 2.49
N LEU A 237 27.75 2.69 2.92
CA LEU A 237 28.17 3.49 4.07
C LEU A 237 27.98 4.97 3.82
N GLU A 238 28.38 5.44 2.65
CA GLU A 238 28.40 6.87 2.36
C GLU A 238 27.02 7.46 2.10
N THR A 239 26.00 6.62 1.93
CA THR A 239 24.64 7.12 1.72
C THR A 239 23.69 6.64 2.81
N ASP A 240 23.53 5.33 2.97
CA ASP A 240 22.52 4.81 3.91
C ASP A 240 22.93 5.03 5.36
N ILE A 241 24.19 4.75 5.69
CA ILE A 241 24.62 4.83 7.08
C ILE A 241 24.75 6.29 7.51
N LEU A 242 25.39 7.11 6.68
CA LEU A 242 25.43 8.55 6.95
C LEU A 242 24.02 9.10 7.11
N PHE A 243 23.10 8.68 6.25
CA PHE A 243 21.70 9.09 6.36
C PHE A 243 21.14 8.79 7.74
N GLY A 244 21.33 7.55 8.21
CA GLY A 244 20.81 7.19 9.52
C GLY A 244 21.37 8.05 10.63
N HIS A 245 22.68 8.28 10.62
CA HIS A 245 23.29 9.10 11.66
C HIS A 245 22.73 10.52 11.65
N ARG A 246 22.58 11.11 10.47
CA ARG A 246 22.07 12.48 10.40
C ARG A 246 20.64 12.57 10.93
N CYS A 247 19.86 11.51 10.76
CA CYS A 247 18.46 11.51 11.19
C CYS A 247 18.27 10.96 12.60
N GLY A 248 19.34 10.52 13.26
CA GLY A 248 19.22 10.02 14.62
C GLY A 248 18.71 8.60 14.73
N MET A 249 18.85 7.78 13.69
CA MET A 249 18.40 6.41 13.69
C MET A 249 19.54 5.45 14.01
N THR A 250 19.17 4.27 14.50
CA THR A 250 20.13 3.19 14.67
C THR A 250 20.41 2.55 13.30
N THR A 251 21.68 2.47 12.93
CA THR A 251 22.07 2.08 11.58
C THR A 251 22.55 0.64 11.56
N VAL A 252 22.12 -0.09 10.53
CA VAL A 252 22.51 -1.48 10.32
C VAL A 252 23.02 -1.61 8.89
N LEU A 253 24.27 -2.03 8.74
CA LEU A 253 24.85 -2.30 7.43
C LEU A 253 24.62 -3.76 7.08
N THR A 254 24.08 -4.01 5.89
CA THR A 254 23.98 -5.35 5.35
C THR A 254 25.04 -5.51 4.26
N LEU A 255 25.63 -6.70 4.19
CA LEU A 255 26.80 -6.94 3.35
C LEU A 255 26.46 -7.53 1.99
N THR A 256 25.18 -7.52 1.61
CA THR A 256 24.74 -8.04 0.33
C THR A 256 24.84 -7.02 -0.80
N GLY A 257 25.46 -5.87 -0.54
CA GLY A 257 25.47 -4.79 -1.52
C GLY A 257 26.82 -4.15 -1.75
N VAL A 258 26.86 -2.82 -1.72
CA VAL A 258 28.03 -2.08 -2.17
C VAL A 258 29.15 -2.14 -1.15
N SER A 259 28.87 -1.76 0.10
CA SER A 259 29.93 -1.58 1.08
C SER A 259 30.30 -2.90 1.75
N SER A 260 31.54 -2.95 2.22
CA SER A 260 32.10 -4.13 2.87
C SER A 260 32.35 -3.84 4.35
N LEU A 261 32.47 -4.92 5.13
CA LEU A 261 32.81 -4.77 6.54
C LEU A 261 34.19 -4.14 6.72
N GLU A 262 35.12 -4.40 5.79
CA GLU A 262 36.44 -3.80 5.88
C GLU A 262 36.38 -2.30 5.69
N GLU A 263 35.54 -1.84 4.76
CA GLU A 263 35.37 -0.40 4.56
C GLU A 263 34.77 0.25 5.80
N ALA A 264 33.80 -0.43 6.43
CA ALA A 264 33.20 0.13 7.65
C ALA A 264 34.22 0.21 8.77
N GLN A 265 34.97 -0.87 9.00
CA GLN A 265 35.96 -0.86 10.06
C GLN A 265 37.07 0.14 9.79
N ALA A 266 37.35 0.42 8.52
CA ALA A 266 38.33 1.46 8.19
C ALA A 266 37.84 2.84 8.63
N TYR A 267 36.54 3.09 8.48
CA TYR A 267 35.99 4.38 8.95
C TYR A 267 36.07 4.49 10.46
N LEU A 268 35.83 3.39 11.18
CA LEU A 268 35.90 3.43 12.63
C LEU A 268 37.32 3.72 13.10
N THR A 269 38.31 3.03 12.54
CA THR A 269 39.69 3.29 12.93
CA THR A 269 39.69 3.28 12.92
C THR A 269 40.09 4.74 12.68
N ALA A 270 39.53 5.36 11.64
CA ALA A 270 39.82 6.75 11.34
C ALA A 270 38.99 7.73 12.17
N GLY A 271 38.08 7.23 13.00
CA GLY A 271 37.26 8.11 13.82
C GLY A 271 36.18 8.84 13.08
N GLN A 272 35.83 8.40 11.87
CA GLN A 272 34.79 9.06 11.08
C GLN A 272 33.45 8.50 11.53
N ARG A 273 32.90 9.16 12.55
CA ARG A 273 31.86 8.56 13.38
C ARG A 273 30.57 8.38 12.60
N ASP A 274 30.22 9.36 11.75
CA ASP A 274 28.96 9.32 11.01
C ASP A 274 28.95 8.32 9.87
N LEU A 275 30.08 7.70 9.53
CA LEU A 275 30.13 6.70 8.47
CA LEU A 275 30.14 6.70 8.47
C LEU A 275 30.32 5.28 9.02
N VAL A 276 30.24 5.11 10.33
CA VAL A 276 30.43 3.81 10.97
C VAL A 276 29.05 3.26 11.31
N PRO A 277 28.69 2.07 10.81
CA PRO A 277 27.40 1.49 11.19
C PRO A 277 27.38 1.10 12.67
N HIS A 278 26.23 1.29 13.30
CA HIS A 278 26.06 0.81 14.68
C HIS A 278 26.17 -0.71 14.72
N TYR A 279 25.53 -1.38 13.78
CA TYR A 279 25.52 -2.84 13.70
C TYR A 279 25.70 -3.25 12.26
N TYR A 280 26.00 -4.53 12.05
CA TYR A 280 26.07 -5.10 10.71
C TYR A 280 25.55 -6.52 10.71
N VAL A 281 25.08 -6.97 9.54
CA VAL A 281 24.59 -8.32 9.32
C VAL A 281 25.07 -8.78 7.96
N GLU A 282 25.30 -10.10 7.83
CA GLU A 282 25.66 -10.66 6.53
C GLU A 282 24.57 -10.38 5.50
N SER A 283 23.31 -10.60 5.89
CA SER A 283 22.16 -10.24 5.07
C SER A 283 21.01 -9.95 6.00
N ILE A 284 19.99 -9.24 5.49
CA ILE A 284 18.87 -8.88 6.34
C ILE A 284 18.10 -10.11 6.80
N ALA A 285 18.33 -11.26 6.15
CA ALA A 285 17.73 -12.50 6.64
C ALA A 285 18.17 -12.81 8.06
N ASP A 286 19.39 -12.40 8.43
CA ASP A 286 19.88 -12.62 9.78
C ASP A 286 19.01 -11.94 10.82
N LEU A 287 18.21 -10.94 10.42
CA LEU A 287 17.40 -10.21 11.38
C LEU A 287 16.20 -11.02 11.86
N MET A 288 15.82 -12.07 11.12
CA MET A 288 14.65 -12.85 11.50
C MET A 288 14.84 -13.59 12.83
N GLU A 289 16.08 -13.76 13.28
CA GLU A 289 16.32 -14.46 14.54
C GLU A 289 15.92 -13.63 15.75
N GLY A 290 15.64 -12.34 15.57
CA GLY A 290 15.15 -11.49 16.63
C GLY A 290 13.65 -11.39 16.72
N LEU A 291 12.92 -12.19 15.95
CA LEU A 291 11.47 -12.18 15.94
C LEU A 291 10.94 -13.57 16.29
N GLU A 292 9.72 -13.60 16.81
CA GLU A 292 9.07 -14.83 17.26
C GLU A 292 9.60 -15.24 18.63
N MET B 2 -28.28 -29.44 6.36
CA MET B 2 -29.24 -28.31 6.13
C MET B 2 -29.27 -27.40 7.35
N ALA B 3 -29.03 -26.12 7.12
CA ALA B 3 -29.10 -25.12 8.18
C ALA B 3 -30.54 -24.96 8.64
N ARG B 4 -30.70 -24.57 9.91
CA ARG B 4 -32.02 -24.42 10.51
C ARG B 4 -32.23 -23.08 11.19
N CYS B 5 -31.30 -22.14 11.05
CA CYS B 5 -31.45 -20.80 11.60
C CYS B 5 -31.91 -20.84 13.06
N GLU B 6 -31.08 -21.46 13.89
CA GLU B 6 -31.37 -21.66 15.30
C GLU B 6 -30.74 -20.56 16.13
N ARG B 7 -31.47 -20.11 17.15
CA ARG B 7 -30.93 -19.11 18.06
C ARG B 7 -29.75 -19.68 18.82
N LEU B 8 -28.59 -19.06 18.67
CA LEU B 8 -27.37 -19.54 19.32
C LEU B 8 -27.34 -19.03 20.75
N ARG B 9 -27.43 -19.94 21.72
CA ARG B 9 -27.41 -19.56 23.11
C ARG B 9 -26.90 -20.73 23.95
N GLY B 10 -26.64 -20.45 25.22
CA GLY B 10 -26.35 -21.51 26.17
C GLY B 10 -25.16 -22.36 25.78
N ALA B 11 -25.33 -23.68 25.95
CA ALA B 11 -24.24 -24.61 25.69
C ALA B 11 -23.86 -24.63 24.22
N ALA B 12 -24.85 -24.54 23.32
CA ALA B 12 -24.54 -24.50 21.89
C ALA B 12 -23.62 -23.33 21.57
N LEU B 13 -23.85 -22.17 22.19
CA LEU B 13 -22.99 -21.02 21.97
C LEU B 13 -21.58 -21.29 22.49
N ARG B 14 -21.46 -21.89 23.67
CA ARG B 14 -20.14 -22.20 24.22
C ARG B 14 -19.40 -23.20 23.34
N ASP B 15 -20.10 -24.23 22.86
CA ASP B 15 -19.45 -25.21 22.00
C ASP B 15 -19.00 -24.58 20.69
N VAL B 16 -19.89 -23.80 20.06
CA VAL B 16 -19.59 -23.22 18.75
C VAL B 16 -18.39 -22.28 18.85
N LEU B 17 -18.41 -21.38 19.83
CA LEU B 17 -17.31 -20.43 19.97
C LEU B 17 -16.03 -21.13 20.43
N GLY B 18 -16.17 -22.14 21.29
CA GLY B 18 -14.99 -22.82 21.80
C GLY B 18 -14.21 -23.54 20.71
N GLN B 19 -14.92 -24.17 19.77
CA GLN B 19 -14.27 -24.93 18.72
C GLN B 19 -13.74 -24.05 17.59
N ALA B 20 -14.16 -22.79 17.52
CA ALA B 20 -13.74 -21.92 16.42
C ALA B 20 -12.33 -21.38 16.65
N GLN B 21 -11.55 -21.34 15.56
CA GLN B 21 -10.25 -20.68 15.63
C GLN B 21 -10.35 -19.18 15.44
N GLY B 22 -11.36 -18.72 14.69
CA GLY B 22 -11.50 -17.31 14.41
C GLY B 22 -12.90 -16.98 13.97
N VAL B 23 -13.18 -15.68 13.95
CA VAL B 23 -14.47 -15.16 13.53
C VAL B 23 -14.24 -14.19 12.38
N LEU B 24 -15.03 -14.33 11.32
CA LEU B 24 -14.99 -13.45 10.17
C LEU B 24 -16.23 -12.56 10.24
N PHE B 25 -16.03 -11.28 10.52
CA PHE B 25 -17.12 -10.34 10.71
C PHE B 25 -17.35 -9.53 9.43
N ASP B 26 -18.60 -9.45 9.00
CA ASP B 26 -19.00 -8.34 8.16
C ASP B 26 -19.03 -7.07 9.00
N CYS B 27 -18.91 -5.92 8.34
CA CYS B 27 -18.78 -4.66 9.08
C CYS B 27 -20.11 -3.92 9.18
N ASP B 28 -20.59 -3.38 8.07
CA ASP B 28 -21.80 -2.58 8.09
C ASP B 28 -23.01 -3.42 8.50
N GLY B 29 -23.78 -2.93 9.46
CA GLY B 29 -24.91 -3.66 9.98
C GLY B 29 -24.58 -4.72 11.02
N VAL B 30 -23.30 -4.90 11.33
CA VAL B 30 -22.87 -5.94 12.26
C VAL B 30 -22.12 -5.28 13.42
N LEU B 31 -21.07 -4.54 13.09
CA LEU B 31 -20.31 -3.81 14.09
C LEU B 31 -20.85 -2.42 14.35
N TRP B 32 -21.60 -1.86 13.40
CA TRP B 32 -22.07 -0.48 13.49
C TRP B 32 -23.16 -0.27 12.46
N ASN B 33 -23.91 0.81 12.66
CA ASN B 33 -24.84 1.35 11.66
C ASN B 33 -24.58 2.84 11.57
N GLY B 34 -24.01 3.28 10.45
CA GLY B 34 -23.58 4.66 10.37
C GLY B 34 -22.49 4.92 11.39
N GLU B 35 -22.65 5.99 12.16
CA GLU B 35 -21.70 6.36 13.20
C GLU B 35 -22.05 5.77 14.56
N ARG B 36 -23.06 4.92 14.64
CA ARG B 36 -23.54 4.36 15.90
C ARG B 36 -23.10 2.91 15.96
N ILE B 37 -22.16 2.60 16.86
CA ILE B 37 -21.71 1.22 17.00
C ILE B 37 -22.86 0.37 17.56
N VAL B 38 -22.79 -0.93 17.27
CA VAL B 38 -23.69 -1.89 17.91
C VAL B 38 -23.24 -2.02 19.36
N PRO B 39 -24.09 -1.77 20.35
CA PRO B 39 -23.65 -1.87 21.74
C PRO B 39 -23.03 -3.22 22.04
N GLY B 40 -21.87 -3.18 22.71
CA GLY B 40 -21.15 -4.38 23.06
C GLY B 40 -20.20 -4.90 22.00
N ALA B 41 -20.21 -4.33 20.80
CA ALA B 41 -19.32 -4.83 19.75
C ALA B 41 -17.85 -4.66 20.12
N PRO B 42 -17.39 -3.50 20.61
CA PRO B 42 -15.98 -3.41 21.02
C PRO B 42 -15.60 -4.42 22.09
N GLU B 43 -16.46 -4.62 23.08
CA GLU B 43 -16.14 -5.58 24.14
C GLU B 43 -16.02 -6.99 23.60
N LEU B 44 -16.88 -7.36 22.64
CA LEU B 44 -16.80 -8.70 22.05
C LEU B 44 -15.44 -8.93 21.42
N LEU B 45 -14.95 -7.97 20.64
CA LEU B 45 -13.64 -8.13 20.01
C LEU B 45 -12.53 -8.26 21.05
N GLN B 46 -12.63 -7.50 22.15
CA GLN B 46 -11.67 -7.63 23.23
C GLN B 46 -11.66 -9.06 23.78
N ARG B 47 -12.83 -9.57 24.14
CA ARG B 47 -12.92 -10.90 24.74
C ARG B 47 -12.53 -11.98 23.74
N LEU B 48 -12.83 -11.78 22.45
CA LEU B 48 -12.34 -12.71 21.44
C LEU B 48 -10.82 -12.75 21.41
N ALA B 49 -10.19 -11.57 21.49
CA ALA B 49 -8.73 -11.52 21.48
C ALA B 49 -8.15 -12.17 22.73
N ARG B 50 -8.75 -11.91 23.89
CA ARG B 50 -8.26 -12.52 25.13
C ARG B 50 -8.47 -14.02 25.16
N ALA B 51 -9.35 -14.55 24.32
CA ALA B 51 -9.56 -15.99 24.22
C ALA B 51 -8.71 -16.64 23.14
N GLY B 52 -7.81 -15.89 22.50
CA GLY B 52 -7.00 -16.46 21.45
C GLY B 52 -7.73 -16.71 20.15
N LYS B 53 -8.84 -16.02 19.92
CA LYS B 53 -9.62 -16.19 18.71
C LYS B 53 -9.16 -15.17 17.67
N ASN B 54 -8.85 -15.67 16.47
CA ASN B 54 -8.50 -14.77 15.38
C ASN B 54 -9.74 -14.01 14.93
N THR B 55 -9.52 -12.78 14.46
CA THR B 55 -10.60 -11.96 13.94
C THR B 55 -10.18 -11.36 12.60
N LEU B 56 -11.04 -11.53 11.59
CA LEU B 56 -10.87 -10.89 10.29
C LEU B 56 -12.17 -10.18 9.95
N PHE B 57 -12.10 -9.26 8.99
CA PHE B 57 -13.22 -8.38 8.70
C PHE B 57 -13.38 -8.25 7.19
N VAL B 58 -14.60 -8.43 6.73
CA VAL B 58 -14.93 -8.29 5.32
C VAL B 58 -16.02 -7.23 5.18
N SER B 59 -16.04 -6.58 4.01
CA SER B 59 -17.02 -5.55 3.72
C SER B 59 -17.06 -5.33 2.22
N ASN B 60 -18.27 -5.25 1.67
CA ASN B 60 -18.43 -4.84 0.29
C ASN B 60 -18.41 -3.34 0.13
N ASN B 61 -18.26 -2.59 1.23
CA ASN B 61 -18.14 -1.15 1.16
C ASN B 61 -16.83 -0.80 0.47
N SER B 62 -16.91 -0.08 -0.64
CA SER B 62 -15.74 0.30 -1.41
C SER B 62 -15.38 1.77 -1.23
N ARG B 63 -15.93 2.42 -0.20
CA ARG B 63 -15.73 3.85 -0.03
C ARG B 63 -14.43 4.21 0.67
N ARG B 64 -13.89 3.31 1.49
CA ARG B 64 -12.74 3.63 2.34
C ARG B 64 -11.56 2.71 2.04
N ALA B 65 -10.41 3.31 1.75
CA ALA B 65 -9.18 2.54 1.64
C ALA B 65 -8.77 2.02 3.02
N ARG B 66 -7.86 1.05 3.01
CA ARG B 66 -7.47 0.37 4.25
C ARG B 66 -7.05 1.32 5.36
N PRO B 67 -6.20 2.33 5.12
CA PRO B 67 -5.83 3.23 6.23
C PRO B 67 -7.03 3.92 6.86
N GLU B 68 -7.92 4.48 6.05
CA GLU B 68 -9.08 5.17 6.60
C GLU B 68 -10.05 4.22 7.26
N LEU B 69 -10.16 2.99 6.77
CA LEU B 69 -11.00 2.01 7.46
C LEU B 69 -10.42 1.65 8.81
N ALA B 70 -9.10 1.50 8.90
CA ALA B 70 -8.46 1.24 10.19
C ALA B 70 -8.71 2.39 11.15
N LEU B 71 -8.60 3.63 10.67
CA LEU B 71 -8.90 4.79 11.51
C LEU B 71 -10.34 4.75 12.01
N ARG B 72 -11.27 4.33 11.15
CA ARG B 72 -12.67 4.26 11.56
C ARG B 72 -12.86 3.31 12.74
N PHE B 73 -12.28 2.11 12.67
CA PHE B 73 -12.37 1.17 13.78
C PHE B 73 -11.92 1.82 15.09
N ALA B 74 -10.73 2.42 15.09
CA ALA B 74 -10.20 3.03 16.31
C ALA B 74 -11.09 4.18 16.77
N ARG B 75 -11.49 5.05 15.84
CA ARG B 75 -12.31 6.21 16.21
CA ARG B 75 -12.31 6.21 16.21
C ARG B 75 -13.61 5.77 16.88
N LEU B 76 -14.16 4.63 16.49
CA LEU B 76 -15.44 4.16 17.03
C LEU B 76 -15.26 3.27 18.26
N GLY B 77 -14.03 3.04 18.70
CA GLY B 77 -13.78 2.31 19.93
C GLY B 77 -13.24 0.90 19.78
N PHE B 78 -12.83 0.50 18.58
CA PHE B 78 -12.25 -0.82 18.34
C PHE B 78 -10.74 -0.67 18.31
N ALA B 79 -10.09 -1.00 19.41
CA ALA B 79 -8.64 -0.82 19.57
C ALA B 79 -7.89 -2.11 19.29
N GLY B 80 -6.62 -1.96 18.92
CA GLY B 80 -5.73 -3.09 18.76
C GLY B 80 -5.87 -3.87 17.48
N LEU B 81 -6.59 -3.35 16.49
CA LEU B 81 -6.75 -4.03 15.23
C LEU B 81 -5.65 -3.64 14.24
N ARG B 82 -5.40 -4.52 13.29
CA ARG B 82 -4.39 -4.32 12.26
C ARG B 82 -5.04 -4.15 10.90
N ALA B 83 -4.44 -3.28 10.07
CA ALA B 83 -4.98 -3.04 8.74
C ALA B 83 -5.00 -4.32 7.92
N GLU B 84 -4.06 -5.23 8.20
CA GLU B 84 -4.00 -6.50 7.47
C GLU B 84 -5.18 -7.40 7.79
N GLN B 85 -5.99 -7.08 8.80
CA GLN B 85 -7.19 -7.83 9.12
C GLN B 85 -8.42 -7.37 8.34
N LEU B 86 -8.31 -6.29 7.56
CA LEU B 86 -9.44 -5.63 6.93
C LEU B 86 -9.45 -5.96 5.44
N PHE B 87 -10.53 -6.57 4.97
CA PHE B 87 -10.66 -7.00 3.58
C PHE B 87 -11.93 -6.41 2.97
N SER B 88 -11.80 -5.22 2.38
CA SER B 88 -12.92 -4.59 1.69
C SER B 88 -12.93 -5.02 0.23
N SER B 89 -14.07 -4.80 -0.42
CA SER B 89 -14.16 -5.08 -1.86
C SER B 89 -13.21 -4.20 -2.65
N ALA B 90 -12.92 -3.00 -2.15
CA ALA B 90 -11.95 -2.14 -2.82
C ALA B 90 -10.56 -2.78 -2.82
N LEU B 91 -10.14 -3.32 -1.67
CA LEU B 91 -8.83 -3.95 -1.59
C LEU B 91 -8.73 -5.15 -2.53
N CYS B 92 -9.73 -6.03 -2.47
N CYS B 92 -9.71 -6.04 -2.49
CA CYS B 92 -9.72 -7.24 -3.29
CA CYS B 92 -9.61 -7.24 -3.31
C CYS B 92 -9.80 -6.90 -4.77
C CYS B 92 -9.89 -6.97 -4.78
N ALA B 93 -10.57 -5.87 -5.11
CA ALA B 93 -10.63 -5.44 -6.51
C ALA B 93 -9.26 -4.98 -7.00
N ALA B 94 -8.55 -4.21 -6.16
CA ALA B 94 -7.21 -3.78 -6.54
C ALA B 94 -6.28 -4.95 -6.76
N ARG B 95 -6.37 -5.99 -5.92
CA ARG B 95 -5.50 -7.15 -6.06
CA ARG B 95 -5.50 -7.14 -6.06
C ARG B 95 -5.81 -7.92 -7.33
N LEU B 96 -7.10 -8.14 -7.63
CA LEU B 96 -7.47 -8.85 -8.85
C LEU B 96 -6.93 -8.13 -10.08
N LEU B 97 -7.17 -6.82 -10.16
CA LEU B 97 -6.73 -6.06 -11.33
C LEU B 97 -5.23 -6.15 -11.51
N ARG B 98 -4.47 -6.08 -10.41
CA ARG B 98 -3.02 -6.18 -10.51
C ARG B 98 -2.59 -7.53 -11.09
N GLN B 99 -3.20 -8.61 -10.60
CA GLN B 99 -2.89 -9.94 -11.14
CA GLN B 99 -2.89 -9.94 -11.14
C GLN B 99 -3.23 -10.02 -12.61
N ARG B 100 -4.47 -9.66 -12.97
CA ARG B 100 -4.92 -9.81 -14.35
CA ARG B 100 -4.94 -9.81 -14.35
C ARG B 100 -4.13 -8.94 -15.31
N LEU B 101 -3.72 -7.76 -14.86
CA LEU B 101 -2.96 -6.83 -15.70
C LEU B 101 -1.45 -7.02 -15.58
N SER B 102 -1.00 -8.03 -14.86
CA SER B 102 0.44 -8.32 -14.76
C SER B 102 0.95 -8.93 -16.07
N SER B 108 0.87 -2.81 -17.78
CA SER B 108 -0.27 -2.94 -16.88
C SER B 108 -1.46 -2.13 -17.40
N GLY B 109 -1.19 -0.99 -18.03
CA GLY B 109 -2.27 -0.18 -18.54
C GLY B 109 -2.87 0.66 -17.44
N ALA B 110 -4.03 1.25 -17.74
CA ALA B 110 -4.73 2.09 -16.79
C ALA B 110 -6.14 1.56 -16.59
N VAL B 111 -6.72 1.93 -15.45
CA VAL B 111 -8.04 1.47 -15.05
C VAL B 111 -8.97 2.67 -15.00
N PHE B 112 -10.09 2.59 -15.71
CA PHE B 112 -11.15 3.57 -15.63
C PHE B 112 -12.07 3.19 -14.47
N VAL B 113 -12.14 4.05 -13.46
CA VAL B 113 -12.83 3.73 -12.21
C VAL B 113 -14.12 4.53 -12.14
N LEU B 114 -15.24 3.80 -12.04
CA LEU B 114 -16.52 4.39 -11.64
C LEU B 114 -16.64 4.18 -10.15
N GLY B 115 -16.21 5.19 -9.39
CA GLY B 115 -16.18 5.04 -7.94
C GLY B 115 -15.58 6.27 -7.30
N GLY B 116 -15.43 6.20 -5.98
CA GLY B 116 -14.98 7.32 -5.19
C GLY B 116 -13.48 7.29 -4.90
N GLU B 117 -13.05 8.29 -4.12
CA GLU B 117 -11.63 8.47 -3.87
C GLU B 117 -11.04 7.30 -3.10
N GLY B 118 -11.79 6.75 -2.15
CA GLY B 118 -11.28 5.61 -1.41
C GLY B 118 -10.98 4.43 -2.31
N LEU B 119 -11.85 4.17 -3.29
CA LEU B 119 -11.60 3.09 -4.24
C LEU B 119 -10.39 3.41 -5.11
N ARG B 120 -10.30 4.64 -5.63
CA ARG B 120 -9.12 5.02 -6.40
C ARG B 120 -7.85 4.91 -5.56
N ALA B 121 -7.91 5.36 -4.31
CA ALA B 121 -6.72 5.30 -3.46
C ALA B 121 -6.28 3.86 -3.24
N GLU B 122 -7.23 2.94 -3.10
CA GLU B 122 -6.88 1.54 -2.90
C GLU B 122 -6.17 0.97 -4.13
N LEU B 123 -6.64 1.34 -5.32
CA LEU B 123 -5.97 0.88 -6.54
C LEU B 123 -4.58 1.50 -6.67
N ARG B 124 -4.44 2.78 -6.34
CA ARG B 124 -3.13 3.42 -6.41
C ARG B 124 -2.15 2.74 -5.45
N ALA B 125 -2.62 2.35 -4.26
CA ALA B 125 -1.75 1.72 -3.29
C ALA B 125 -1.21 0.38 -3.79
N ALA B 126 -1.91 -0.28 -4.72
CA ALA B 126 -1.47 -1.54 -5.26
C ALA B 126 -0.55 -1.38 -6.46
N GLY B 127 -0.30 -0.15 -6.89
CA GLY B 127 0.57 0.11 -8.02
C GLY B 127 -0.12 0.27 -9.35
N LEU B 128 -1.44 0.38 -9.37
CA LEU B 128 -2.19 0.52 -10.61
C LEU B 128 -2.34 1.99 -10.97
N ARG B 129 -2.23 2.28 -12.26
CA ARG B 129 -2.48 3.62 -12.77
C ARG B 129 -3.95 3.77 -13.16
N LEU B 130 -4.49 4.96 -12.93
CA LEU B 130 -5.90 5.24 -13.10
C LEU B 130 -6.08 6.24 -14.25
N ALA B 131 -7.03 5.94 -15.13
CA ALA B 131 -7.42 6.91 -16.15
C ALA B 131 -7.87 8.20 -15.47
N GLY B 132 -7.45 9.34 -16.04
CA GLY B 132 -7.79 10.62 -15.48
C GLY B 132 -6.80 11.16 -14.46
N ASP B 133 -5.78 10.39 -14.10
CA ASP B 133 -4.76 10.88 -13.20
C ASP B 133 -3.76 11.76 -13.94
N PRO B 134 -3.04 12.62 -13.24
CA PRO B 134 -2.17 13.58 -13.91
C PRO B 134 -1.10 12.93 -14.76
N GLY B 135 -0.85 13.50 -15.93
CA GLY B 135 0.27 13.11 -16.75
C GLY B 135 0.05 11.90 -17.64
N GLU B 136 0.42 10.73 -17.11
CA GLU B 136 0.41 9.51 -17.91
C GLU B 136 -0.99 9.25 -18.47
N ASP B 137 -1.05 8.92 -19.76
CA ASP B 137 -2.30 8.55 -20.42
C ASP B 137 -2.15 7.16 -21.04
N PRO B 138 -2.13 6.11 -20.22
CA PRO B 138 -2.00 4.76 -20.78
C PRO B 138 -3.29 4.29 -21.43
N ARG B 139 -3.15 3.24 -22.23
CA ARG B 139 -4.32 2.57 -22.79
C ARG B 139 -5.17 1.98 -21.67
N VAL B 140 -6.46 2.30 -21.67
CA VAL B 140 -7.36 1.75 -20.66
C VAL B 140 -7.52 0.26 -20.88
N ARG B 141 -7.08 -0.54 -19.90
CA ARG B 141 -7.13 -1.98 -19.99
C ARG B 141 -8.17 -2.61 -19.07
N ALA B 142 -8.90 -1.81 -18.29
CA ALA B 142 -9.94 -2.34 -17.44
C ALA B 142 -10.87 -1.22 -17.00
N VAL B 143 -12.15 -1.57 -16.84
CA VAL B 143 -13.16 -0.71 -16.24
C VAL B 143 -13.57 -1.33 -14.92
N LEU B 144 -13.53 -0.55 -13.85
CA LEU B 144 -13.91 -1.00 -12.52
C LEU B 144 -15.16 -0.25 -12.08
N VAL B 145 -16.21 -1.00 -11.76
CA VAL B 145 -17.46 -0.41 -11.26
C VAL B 145 -17.49 -0.62 -9.75
N GLY B 146 -17.60 0.49 -9.02
CA GLY B 146 -17.78 0.43 -7.58
C GLY B 146 -18.92 1.34 -7.18
N TYR B 147 -19.06 1.61 -5.88
CA TYR B 147 -20.09 2.53 -5.40
C TYR B 147 -19.71 3.94 -5.86
N ASP B 148 -20.48 4.48 -6.81
CA ASP B 148 -20.10 5.70 -7.52
C ASP B 148 -21.23 6.73 -7.39
N GLU B 149 -21.12 7.60 -6.39
CA GLU B 149 -22.10 8.67 -6.24
C GLU B 149 -22.03 9.68 -7.38
N GLN B 150 -20.99 9.63 -8.21
CA GLN B 150 -20.87 10.51 -9.37
C GLN B 150 -21.31 9.82 -10.65
N PHE B 151 -21.99 8.68 -10.55
CA PHE B 151 -22.44 7.96 -11.73
C PHE B 151 -23.32 8.88 -12.58
N SER B 152 -23.09 8.84 -13.89
CA SER B 152 -23.78 9.74 -14.81
C SER B 152 -23.88 9.07 -16.18
N PHE B 153 -24.82 9.59 -16.97
CA PHE B 153 -24.97 9.11 -18.35
C PHE B 153 -23.67 9.27 -19.13
N SER B 154 -22.97 10.39 -18.95
CA SER B 154 -21.72 10.60 -19.67
C SER B 154 -20.65 9.65 -19.20
N ARG B 155 -20.60 9.37 -17.89
CA ARG B 155 -19.59 8.44 -17.38
C ARG B 155 -19.90 7.00 -17.79
N LEU B 156 -21.18 6.63 -17.81
CA LEU B 156 -21.58 5.34 -18.35
C LEU B 156 -21.19 5.22 -19.82
N THR B 157 -21.43 6.27 -20.61
CA THR B 157 -21.04 6.26 -22.01
C THR B 157 -19.53 6.07 -22.16
N GLU B 158 -18.74 6.75 -21.32
CA GLU B 158 -17.29 6.60 -21.40
CA GLU B 158 -17.29 6.60 -21.39
C GLU B 158 -16.88 5.16 -21.09
N ALA B 159 -17.45 4.57 -20.04
CA ALA B 159 -17.12 3.19 -19.69
C ALA B 159 -17.36 2.25 -20.87
N CYS B 160 -18.51 2.40 -21.54
CA CYS B 160 -18.83 1.52 -22.65
C CYS B 160 -17.90 1.72 -23.82
N ALA B 161 -17.45 2.96 -24.06
CA ALA B 161 -16.48 3.19 -25.13
C ALA B 161 -15.20 2.39 -24.89
N HIS B 162 -14.70 2.39 -23.66
CA HIS B 162 -13.52 1.59 -23.35
C HIS B 162 -13.80 0.11 -23.54
N LEU B 163 -15.02 -0.32 -23.21
CA LEU B 163 -15.38 -1.73 -23.29
C LEU B 163 -15.63 -2.21 -24.71
N ARG B 164 -15.64 -1.31 -25.70
CA ARG B 164 -15.66 -1.74 -27.09
C ARG B 164 -14.39 -2.53 -27.43
N ASP B 165 -13.31 -2.24 -26.73
CA ASP B 165 -12.09 -3.03 -26.84
C ASP B 165 -12.29 -4.36 -26.14
N PRO B 166 -12.35 -5.48 -26.85
CA PRO B 166 -12.62 -6.76 -26.17
C PRO B 166 -11.57 -7.12 -25.14
N ASP B 167 -10.36 -6.58 -25.25
CA ASP B 167 -9.30 -6.85 -24.30
C ASP B 167 -9.41 -6.01 -23.03
N CYS B 168 -10.31 -5.03 -22.99
CA CYS B 168 -10.53 -4.24 -21.79
C CYS B 168 -11.39 -5.04 -20.82
N LEU B 169 -10.85 -5.30 -19.62
CA LEU B 169 -11.56 -6.09 -18.63
C LEU B 169 -12.70 -5.28 -18.01
N LEU B 170 -13.71 -5.99 -17.53
CA LEU B 170 -14.79 -5.39 -16.75
C LEU B 170 -14.82 -6.04 -15.38
N VAL B 171 -14.66 -5.25 -14.34
CA VAL B 171 -14.66 -5.72 -12.96
C VAL B 171 -15.67 -4.90 -12.17
N ALA B 172 -16.32 -5.56 -11.21
CA ALA B 172 -17.22 -4.89 -10.27
C ALA B 172 -16.81 -5.25 -8.85
N THR B 173 -16.85 -4.26 -7.95
CA THR B 173 -16.48 -4.52 -6.56
C THR B 173 -17.46 -5.50 -5.91
N ASP B 174 -18.74 -5.38 -6.23
CA ASP B 174 -19.78 -6.20 -5.60
C ASP B 174 -21.05 -6.05 -6.42
N ARG B 175 -22.08 -6.81 -6.04
CA ARG B 175 -23.40 -6.72 -6.66
C ARG B 175 -24.49 -6.35 -5.66
N ASP B 176 -24.13 -5.73 -4.55
CA ASP B 176 -25.15 -5.32 -3.59
C ASP B 176 -26.13 -4.38 -4.29
N PRO B 177 -27.43 -4.68 -4.29
CA PRO B 177 -28.36 -3.85 -5.08
C PRO B 177 -28.62 -2.49 -4.45
N TRP B 178 -28.57 -2.38 -3.12
CA TRP B 178 -28.87 -1.14 -2.43
C TRP B 178 -28.31 -1.25 -1.01
N HIS B 179 -28.24 -0.11 -0.33
CA HIS B 179 -27.72 -0.05 1.03
C HIS B 179 -28.61 0.85 1.88
N PRO B 180 -28.90 0.46 3.12
CA PRO B 180 -29.74 1.28 3.98
C PRO B 180 -28.95 2.41 4.63
N LEU B 181 -29.66 3.52 4.85
CA LEU B 181 -29.11 4.67 5.56
C LEU B 181 -29.78 4.79 6.92
N SER B 182 -29.24 5.69 7.74
CA SER B 182 -29.73 5.82 9.12
C SER B 182 -31.22 6.20 9.14
N ASP B 183 -31.65 7.06 8.22
CA ASP B 183 -33.01 7.57 8.22
C ASP B 183 -34.02 6.59 7.64
N GLY B 184 -33.61 5.35 7.38
CA GLY B 184 -34.49 4.36 6.80
C GLY B 184 -34.53 4.38 5.28
N SER B 185 -34.04 5.44 4.65
CA SER B 185 -33.99 5.49 3.21
C SER B 185 -32.90 4.54 2.69
N ARG B 186 -32.81 4.45 1.37
CA ARG B 186 -31.84 3.58 0.72
C ARG B 186 -31.07 4.36 -0.34
N THR B 187 -29.88 3.85 -0.65
CA THR B 187 -29.05 4.34 -1.73
C THR B 187 -28.74 3.20 -2.69
N PRO B 188 -28.74 3.44 -4.00
CA PRO B 188 -28.41 2.35 -4.93
C PRO B 188 -27.01 1.82 -4.67
N GLY B 189 -26.86 0.51 -4.85
CA GLY B 189 -25.59 -0.15 -4.63
C GLY B 189 -24.84 -0.41 -5.93
N THR B 190 -23.62 -0.92 -5.78
CA THR B 190 -22.78 -1.20 -6.95
C THR B 190 -23.46 -2.16 -7.90
N GLY B 191 -24.30 -3.07 -7.38
CA GLY B 191 -24.98 -4.00 -8.25
C GLY B 191 -25.89 -3.33 -9.25
N SER B 192 -26.49 -2.20 -8.86
CA SER B 192 -27.36 -1.47 -9.78
C SER B 192 -26.53 -0.79 -10.88
N LEU B 193 -25.39 -0.20 -10.52
CA LEU B 193 -24.55 0.45 -11.52
C LEU B 193 -23.87 -0.58 -12.42
N ALA B 194 -23.47 -1.72 -11.85
CA ALA B 194 -22.88 -2.77 -12.68
C ALA B 194 -23.90 -3.30 -13.68
N ALA B 195 -25.15 -3.45 -13.27
CA ALA B 195 -26.18 -3.91 -14.19
C ALA B 195 -26.33 -2.97 -15.39
N ALA B 196 -26.22 -1.66 -15.15
CA ALA B 196 -26.29 -0.70 -16.26
C ALA B 196 -25.08 -0.86 -17.18
N VAL B 197 -23.88 -0.95 -16.61
CA VAL B 197 -22.67 -1.08 -17.40
C VAL B 197 -22.70 -2.38 -18.19
N GLU B 198 -23.06 -3.48 -17.53
CA GLU B 198 -23.11 -4.78 -18.21
C GLU B 198 -24.12 -4.76 -19.34
N THR B 199 -25.29 -4.16 -19.12
CA THR B 199 -26.31 -4.14 -20.16
C THR B 199 -25.90 -3.28 -21.34
N ALA B 200 -25.34 -2.10 -21.09
CA ALA B 200 -25.01 -1.19 -22.18
C ALA B 200 -23.79 -1.68 -22.97
N SER B 201 -22.91 -2.45 -22.33
CA SER B 201 -21.71 -2.95 -23.01
C SER B 201 -21.88 -4.37 -23.53
N GLY B 202 -22.93 -5.07 -23.14
CA GLY B 202 -23.08 -6.46 -23.52
C GLY B 202 -22.03 -7.35 -22.90
N ARG B 203 -21.49 -6.97 -21.74
CA ARG B 203 -20.43 -7.71 -21.07
C ARG B 203 -20.93 -8.21 -19.72
N GLN B 204 -20.30 -9.27 -19.24
CA GLN B 204 -20.49 -9.77 -17.89
C GLN B 204 -19.28 -9.39 -17.05
N ALA B 205 -19.52 -8.84 -15.87
CA ALA B 205 -18.45 -8.33 -15.03
C ALA B 205 -17.88 -9.44 -14.15
N LEU B 206 -16.57 -9.34 -13.90
CA LEU B 206 -15.94 -10.13 -12.85
C LEU B 206 -16.20 -9.46 -11.50
N VAL B 207 -16.85 -10.17 -10.59
CA VAL B 207 -17.24 -9.63 -9.29
C VAL B 207 -16.30 -10.19 -8.23
N VAL B 208 -15.74 -9.32 -7.40
CA VAL B 208 -14.75 -9.71 -6.40
C VAL B 208 -15.39 -9.88 -5.04
N GLY B 209 -16.42 -9.08 -4.75
CA GLY B 209 -16.96 -9.04 -3.41
C GLY B 209 -17.92 -10.18 -3.10
N LYS B 210 -18.03 -10.47 -1.81
CA LYS B 210 -18.95 -11.51 -1.36
C LYS B 210 -20.33 -11.27 -1.97
N PRO B 211 -21.07 -12.33 -2.35
CA PRO B 211 -20.79 -13.75 -2.11
C PRO B 211 -19.80 -14.39 -3.10
N SER B 212 -19.11 -13.60 -3.91
CA SER B 212 -18.11 -14.16 -4.81
C SER B 212 -16.99 -14.81 -3.98
N PRO B 213 -16.50 -15.99 -4.37
CA PRO B 213 -15.43 -16.62 -3.59
C PRO B 213 -14.10 -15.88 -3.63
N TYR B 214 -13.89 -14.97 -4.59
CA TYR B 214 -12.60 -14.30 -4.68
C TYR B 214 -12.28 -13.56 -3.38
N MET B 215 -13.30 -12.99 -2.73
CA MET B 215 -13.05 -12.30 -1.47
CA MET B 215 -13.07 -12.30 -1.46
C MET B 215 -12.40 -13.24 -0.45
N PHE B 216 -12.78 -14.50 -0.46
CA PHE B 216 -12.17 -15.46 0.46
C PHE B 216 -10.77 -15.85 0.00
N GLN B 217 -10.55 -15.95 -1.32
CA GLN B 217 -9.21 -16.19 -1.83
C GLN B 217 -8.26 -15.09 -1.36
N CYS B 218 -8.72 -13.84 -1.38
N CYS B 218 -8.71 -13.84 -1.47
CA CYS B 218 -7.88 -12.76 -0.87
CA CYS B 218 -8.05 -12.69 -0.86
C CYS B 218 -7.50 -13.00 0.58
C CYS B 218 -7.54 -13.01 0.54
N ILE B 219 -8.43 -13.52 1.39
CA ILE B 219 -8.11 -13.77 2.79
C ILE B 219 -7.11 -14.92 2.92
N THR B 220 -7.37 -16.03 2.23
CA THR B 220 -6.51 -17.20 2.38
C THR B 220 -5.12 -16.98 1.81
N GLU B 221 -4.96 -16.04 0.88
CA GLU B 221 -3.62 -15.71 0.40
C GLU B 221 -2.79 -15.05 1.50
N ASP B 222 -3.44 -14.38 2.44
CA ASP B 222 -2.75 -13.67 3.51
C ASP B 222 -2.75 -14.42 4.84
N PHE B 223 -3.70 -15.32 5.06
CA PHE B 223 -3.85 -16.00 6.33
C PHE B 223 -4.21 -17.45 6.11
N SER B 224 -3.68 -18.33 6.96
CA SER B 224 -4.11 -19.72 6.99
C SER B 224 -5.43 -19.78 7.75
N VAL B 225 -6.53 -19.97 7.02
CA VAL B 225 -7.87 -19.96 7.58
C VAL B 225 -8.53 -21.30 7.27
N ASP B 226 -8.89 -22.03 8.32
CA ASP B 226 -9.68 -23.25 8.16
C ASP B 226 -11.15 -22.87 8.12
N PRO B 227 -11.79 -22.87 6.95
CA PRO B 227 -13.21 -22.46 6.90
C PRO B 227 -14.10 -23.27 7.82
N ALA B 228 -13.81 -24.56 8.02
CA ALA B 228 -14.63 -25.39 8.89
C ALA B 228 -14.56 -24.95 10.35
N ARG B 229 -13.55 -24.17 10.72
CA ARG B 229 -13.39 -23.68 12.09
C ARG B 229 -13.63 -22.17 12.20
N THR B 230 -14.25 -21.57 11.20
CA THR B 230 -14.43 -20.13 11.15
C THR B 230 -15.92 -19.80 11.15
N LEU B 231 -16.29 -18.81 11.96
CA LEU B 231 -17.67 -18.33 12.04
CA LEU B 231 -17.66 -18.34 12.03
C LEU B 231 -17.82 -17.10 11.16
N MET B 232 -18.69 -17.18 10.16
CA MET B 232 -19.01 -16.05 9.30
C MET B 232 -20.21 -15.33 9.90
N VAL B 233 -20.00 -14.10 10.37
CA VAL B 233 -21.03 -13.33 11.04
C VAL B 233 -21.38 -12.15 10.13
N GLY B 234 -22.65 -12.08 9.74
CA GLY B 234 -23.10 -11.04 8.84
C GLY B 234 -24.57 -10.72 9.06
N ASP B 235 -25.02 -9.65 8.41
CA ASP B 235 -26.38 -9.17 8.55
C ASP B 235 -27.20 -9.32 7.27
N ARG B 236 -26.59 -9.77 6.18
CA ARG B 236 -27.25 -9.81 4.88
C ARG B 236 -27.22 -11.23 4.35
N LEU B 237 -28.42 -11.81 4.16
CA LEU B 237 -28.52 -13.20 3.76
C LEU B 237 -27.91 -13.44 2.39
N GLU B 238 -28.20 -12.56 1.43
CA GLU B 238 -27.82 -12.79 0.04
C GLU B 238 -26.34 -12.56 -0.23
N THR B 239 -25.61 -11.96 0.70
CA THR B 239 -24.18 -11.73 0.54
C THR B 239 -23.37 -12.44 1.63
N ASP B 240 -23.61 -12.12 2.90
CA ASP B 240 -22.77 -12.67 3.97
C ASP B 240 -23.04 -14.16 4.18
N ILE B 241 -24.32 -14.55 4.23
CA ILE B 241 -24.64 -15.94 4.54
C ILE B 241 -24.33 -16.84 3.35
N LEU B 242 -24.76 -16.45 2.16
CA LEU B 242 -24.39 -17.19 0.95
C LEU B 242 -22.87 -17.31 0.83
N PHE B 243 -22.15 -16.23 1.12
CA PHE B 243 -20.69 -16.27 1.12
C PHE B 243 -20.18 -17.35 2.06
N GLY B 244 -20.70 -17.38 3.29
CA GLY B 244 -20.25 -18.39 4.24
C GLY B 244 -20.48 -19.80 3.76
N HIS B 245 -21.67 -20.06 3.20
CA HIS B 245 -21.98 -21.40 2.72
C HIS B 245 -21.04 -21.80 1.59
N ARG B 246 -20.79 -20.89 0.64
CA ARG B 246 -19.91 -21.21 -0.47
C ARG B 246 -18.49 -21.52 -0.01
N CYS B 247 -18.05 -20.90 1.08
CA CYS B 247 -16.70 -21.09 1.59
C CYS B 247 -16.61 -22.20 2.63
N GLY B 248 -17.74 -22.81 2.99
CA GLY B 248 -17.71 -23.89 3.96
C GLY B 248 -17.62 -23.44 5.40
N MET B 249 -18.03 -22.23 5.71
CA MET B 249 -17.98 -21.69 7.06
C MET B 249 -19.32 -21.87 7.76
N THR B 250 -19.27 -21.86 9.09
CA THR B 250 -20.50 -21.81 9.89
C THR B 250 -21.01 -20.38 9.91
N THR B 251 -22.27 -20.20 9.54
CA THR B 251 -22.84 -18.88 9.32
C THR B 251 -23.70 -18.45 10.50
N VAL B 252 -23.56 -17.19 10.90
CA VAL B 252 -24.35 -16.61 11.97
C VAL B 252 -24.95 -15.32 11.45
N LEU B 253 -26.28 -15.23 11.44
CA LEU B 253 -26.98 -14.01 11.06
C LEU B 253 -27.22 -13.16 12.29
N THR B 254 -26.84 -11.90 12.23
CA THR B 254 -27.16 -10.93 13.26
C THR B 254 -28.28 -10.02 12.75
N LEU B 255 -29.18 -9.62 13.65
CA LEU B 255 -30.40 -8.93 13.29
C LEU B 255 -30.30 -7.42 13.42
N THR B 256 -29.09 -6.88 13.59
CA THR B 256 -28.89 -5.44 13.71
C THR B 256 -28.75 -4.75 12.37
N GLY B 257 -28.99 -5.46 11.27
CA GLY B 257 -28.73 -4.90 9.95
C GLY B 257 -29.84 -5.09 8.94
N VAL B 258 -29.46 -5.55 7.75
CA VAL B 258 -30.38 -5.54 6.61
C VAL B 258 -31.44 -6.63 6.74
N SER B 259 -31.00 -7.88 6.90
CA SER B 259 -31.91 -9.01 6.81
C SER B 259 -32.63 -9.25 8.12
N SER B 260 -33.82 -9.84 8.02
CA SER B 260 -34.67 -10.13 9.16
C SER B 260 -34.74 -11.63 9.37
N LEU B 261 -35.12 -12.03 10.58
CA LEU B 261 -35.28 -13.44 10.88
C LEU B 261 -36.38 -14.06 10.01
N GLU B 262 -37.40 -13.27 9.66
CA GLU B 262 -38.47 -13.79 8.80
C GLU B 262 -37.95 -14.09 7.40
N GLU B 263 -37.08 -13.23 6.86
CA GLU B 263 -36.49 -13.51 5.56
C GLU B 263 -35.67 -14.79 5.60
N ALA B 264 -34.93 -15.00 6.69
CA ALA B 264 -34.14 -16.23 6.83
C ALA B 264 -35.05 -17.43 6.92
N GLN B 265 -36.07 -17.37 7.78
CA GLN B 265 -37.01 -18.49 7.90
CA GLN B 265 -37.01 -18.48 7.91
C GLN B 265 -37.81 -18.69 6.63
N ALA B 266 -37.97 -17.65 5.82
CA ALA B 266 -38.62 -17.82 4.53
C ALA B 266 -37.75 -18.64 3.58
N TYR B 267 -36.43 -18.42 3.63
CA TYR B 267 -35.52 -19.22 2.81
C TYR B 267 -35.50 -20.67 3.27
N LEU B 268 -35.57 -20.91 4.58
CA LEU B 268 -35.60 -22.26 5.09
C LEU B 268 -36.86 -22.99 4.65
N THR B 269 -37.99 -22.27 4.61
CA THR B 269 -39.25 -22.85 4.17
C THR B 269 -39.23 -23.16 2.68
N ALA B 270 -38.46 -22.39 1.90
CA ALA B 270 -38.37 -22.58 0.46
C ALA B 270 -37.26 -23.55 0.07
N GLY B 271 -36.51 -24.07 1.02
CA GLY B 271 -35.45 -25.01 0.71
C GLY B 271 -34.20 -24.40 0.12
N GLN B 272 -34.02 -23.09 0.21
CA GLN B 272 -32.81 -22.44 -0.28
CA GLN B 272 -32.81 -22.43 -0.28
C GLN B 272 -31.74 -22.56 0.80
N ARG B 273 -31.09 -23.73 0.84
CA ARG B 273 -30.10 -24.02 1.86
C ARG B 273 -28.99 -22.99 1.93
N ASP B 274 -28.45 -22.59 0.79
CA ASP B 274 -27.27 -21.73 0.82
C ASP B 274 -27.59 -20.31 1.27
N LEU B 275 -28.85 -19.99 1.51
CA LEU B 275 -29.25 -18.69 2.01
C LEU B 275 -29.81 -18.77 3.43
N VAL B 276 -29.77 -19.93 4.06
CA VAL B 276 -30.29 -20.13 5.40
C VAL B 276 -29.11 -20.07 6.37
N PRO B 277 -29.11 -19.15 7.33
CA PRO B 277 -28.03 -19.13 8.33
C PRO B 277 -28.09 -20.35 9.23
N HIS B 278 -26.92 -20.87 9.59
CA HIS B 278 -26.87 -21.94 10.57
C HIS B 278 -27.40 -21.50 11.92
N TYR B 279 -27.02 -20.29 12.35
CA TYR B 279 -27.44 -19.75 13.64
C TYR B 279 -27.82 -18.29 13.45
N TYR B 280 -28.50 -17.72 14.45
CA TYR B 280 -28.78 -16.30 14.43
C TYR B 280 -28.70 -15.74 15.85
N VAL B 281 -28.45 -14.44 15.93
CA VAL B 281 -28.42 -13.71 17.19
C VAL B 281 -29.08 -12.36 16.96
N GLU B 282 -29.74 -11.84 18.00
CA GLU B 282 -30.29 -10.50 17.92
C GLU B 282 -29.21 -9.47 17.64
N SER B 283 -28.07 -9.58 18.33
CA SER B 283 -26.91 -8.77 18.05
C SER B 283 -25.66 -9.57 18.43
N ILE B 284 -24.52 -9.16 17.88
CA ILE B 284 -23.29 -9.90 18.15
C ILE B 284 -22.90 -9.82 19.61
N ALA B 285 -23.48 -8.89 20.37
CA ALA B 285 -23.23 -8.84 21.81
C ALA B 285 -23.69 -10.13 22.49
N ASP B 286 -24.74 -10.77 21.96
CA ASP B 286 -25.20 -12.03 22.53
C ASP B 286 -24.14 -13.11 22.48
N LEU B 287 -23.13 -12.96 21.60
CA LEU B 287 -22.09 -13.97 21.50
C LEU B 287 -21.11 -13.92 22.66
N MET B 288 -21.08 -12.82 23.41
CA MET B 288 -20.11 -12.69 24.49
C MET B 288 -20.34 -13.68 25.62
N GLU B 289 -21.55 -14.25 25.72
CA GLU B 289 -21.86 -15.16 26.81
C GLU B 289 -21.20 -16.52 26.65
N GLY B 290 -20.64 -16.83 25.49
CA GLY B 290 -19.88 -18.05 25.28
C GLY B 290 -18.39 -17.91 25.53
N LEU B 291 -17.96 -16.76 26.02
CA LEU B 291 -16.54 -16.48 26.28
C LEU B 291 -16.36 -16.11 27.75
N GLU B 292 -15.16 -16.35 28.26
CA GLU B 292 -14.86 -16.05 29.65
C GLU B 292 -13.37 -16.30 29.95
MG MG C . 21.53 0.35 -1.84
P PO4 D . 19.47 2.31 -3.71
O1 PO4 D . 19.59 3.68 -3.08
O2 PO4 D . 19.41 2.47 -5.20
O3 PO4 D . 18.21 1.62 -3.21
O4 PO4 D . 20.65 1.46 -3.30
C2 UK9 E . 19.78 2.55 -11.15
C4 UK9 E . 21.27 0.57 -11.32
C6 UK9 E . 22.06 -0.56 -9.36
C7 UK9 E . 21.38 0.33 -8.56
C9 UK9 E . 18.59 3.09 -13.13
C11 UK9 E . 17.42 3.53 -15.18
C12 UK9 E . 17.00 4.75 -14.66
C13 UK9 E . 17.38 5.14 -13.38
C14 UK9 E . 18.18 4.31 -12.61
C UK9 E . 18.61 4.69 -11.26
O UK9 E . 18.30 5.77 -10.74
O1 UK9 E . 19.38 2.21 -12.41
O2 UK9 E . 18.63 1.48 -14.91
C1 UK9 E . 19.44 3.73 -10.58
C10 UK9 E . 18.22 2.67 -14.42
C3 UK9 E . 20.58 1.48 -10.53
C5 UK9 E . 22.01 -0.45 -10.74
C8 UK9 E . 20.65 1.36 -9.14
O3 UK9 E . 17.05 3.15 -16.43
H1 UK9 E . 21.26 0.65 -12.40
H3 UK9 E . 22.63 -1.37 -8.90
H4 UK9 E . 21.42 0.25 -7.49
H8 UK9 E . 16.38 5.43 -15.25
H9 UK9 E . 17.05 6.10 -12.99
H6 UK9 E . 18.97 0.96 -14.13
H UK9 E . 19.77 3.99 -9.57
H2 UK9 E . 22.55 -1.16 -11.37
H5 UK9 E . 20.12 2.05 -8.49
H7 UK9 E . 17.58 2.35 -16.68
C1 PGE F . 3.72 0.39 8.21
O1 PGE F . 3.51 -0.82 7.51
C2 PGE F . 3.80 1.54 7.21
O2 PGE F . 3.65 2.78 7.88
C3 PGE F . 4.51 2.96 8.99
C4 PGE F . 4.43 4.40 9.49
O4 PGE F . 1.59 7.49 11.36
C6 PGE F . 1.59 6.11 11.02
C5 PGE F . 3.04 5.64 10.96
O3 PGE F . 3.12 4.63 9.96
H1 PGE F . 4.66 0.37 8.78
H12 PGE F . 2.91 0.60 8.91
HO1 PGE F . 3.69 -1.55 8.12
H2 PGE F . 3.01 1.40 6.46
H22 PGE F . 4.78 1.50 6.70
H3 PGE F . 4.23 2.29 9.80
H32 PGE F . 5.56 2.75 8.71
H4 PGE F . 4.68 5.09 8.67
H42 PGE F . 5.17 4.53 10.30
HO4 PGE F . 1.70 7.57 12.32
H6 PGE F . 1.12 5.93 10.05
H62 PGE F . 1.06 5.51 11.79
H5 PGE F . 3.34 5.25 11.95
H52 PGE F . 3.69 6.49 10.72
C1 CIT G . 17.39 -1.97 -11.08
O1 CIT G . 16.72 -1.18 -11.78
O2 CIT G . 16.84 -2.54 -10.11
C2 CIT G . 18.85 -2.22 -11.39
C3 CIT G . 19.06 -2.49 -12.88
O7 CIT G . 18.71 -1.28 -13.59
C4 CIT G . 20.52 -2.79 -13.22
C5 CIT G . 20.94 -4.15 -12.72
O3 CIT G . 21.19 -5.06 -13.54
O4 CIT G . 21.06 -4.38 -11.49
C6 CIT G . 18.16 -3.60 -13.37
O5 CIT G . 17.99 -3.78 -14.60
O6 CIT G . 17.58 -4.36 -12.57
H21 CIT G . 19.44 -1.35 -11.09
H22 CIT G . 19.20 -3.08 -10.81
HO7 CIT G . 18.06 -1.49 -14.29
H41 CIT G . 21.16 -2.03 -12.77
H42 CIT G . 20.65 -2.75 -14.30
C1 GOL H . 13.69 29.65 -20.09
O1 GOL H . 13.34 28.67 -21.02
C2 GOL H . 15.00 29.18 -19.43
O2 GOL H . 16.09 29.37 -20.26
C3 GOL H . 15.13 29.99 -18.13
O3 GOL H . 16.01 29.29 -17.30
H11 GOL H . 13.01 29.77 -19.40
H12 GOL H . 13.82 30.52 -20.49
HO1 GOL H . 12.65 28.96 -21.43
H2 GOL H . 14.96 28.23 -19.24
HO2 GOL H . 16.78 29.35 -19.79
H31 GOL H . 14.24 30.11 -17.74
H32 GOL H . 15.43 30.88 -18.34
HO3 GOL H . 15.97 29.65 -16.54
MG MG I . -23.54 -5.78 6.12
P PO4 J . -20.98 -4.46 4.21
O1 PO4 J . -20.97 -3.21 3.34
O2 PO4 J . -19.96 -4.32 5.30
O3 PO4 J . -20.65 -5.66 3.36
O4 PO4 J . -22.35 -4.63 4.82
C1 GOL K . -21.81 2.89 5.90
O1 GOL K . -20.61 2.57 6.54
C2 GOL K . -22.45 4.06 6.68
O2 GOL K . -21.56 5.12 6.83
C3 GOL K . -23.69 4.45 5.86
O3 GOL K . -23.24 5.10 4.71
H11 GOL K . -22.43 2.14 5.88
H12 GOL K . -21.70 3.15 4.97
HO1 GOL K . -20.25 1.94 6.10
H2 GOL K . -22.68 3.78 7.58
HO2 GOL K . -21.67 5.64 6.16
H31 GOL K . -24.21 3.65 5.68
H32 GOL K . -24.26 5.01 6.41
HO3 GOL K . -23.56 4.66 4.05
#